data_6ZH1
#
_entry.id   6ZH1
#
_cell.length_a   43.273
_cell.length_b   60.327
_cell.length_c   145.681
_cell.angle_alpha   90.000
_cell.angle_beta   90.000
_cell.angle_gamma   90.000
#
_symmetry.space_group_name_H-M   'P 21 21 21'
#
loop_
_entity.id
_entity.type
_entity.pdbx_description
1 polymer 'Factor H-binding protein A'
2 polymer 'Complement factor H'
3 non-polymer 1,2-ETHANEDIOL
4 non-polymer 'SULFATE ION'
5 water water
#
loop_
_entity_poly.entity_id
_entity_poly.type
_entity_poly.pdbx_seq_one_letter_code
_entity_poly.pdbx_strand_id
1 'polypeptide(L)'
;MAHHHHHHVDDDDKDLFNKNKKLDADLLKTLDNLLKTLDNNQKQALIYFKDKLQDKKYLNDLMEQQKSFLDNLQKKKEDP
DLQDRLKKTLNSEYDESQFNKLLNELGNAKAKQFLQQLHIMLQSIKDGTLTSFSSSNFNDLQNLEQKKERALQYINGKLY
VEYYFYINGISNADNFFETIMEYLKT
;
A
2 'polypeptide(L)'
;AGIQNDSTGKCGPPPPIDNGDITSFPLSVYAPASSVEYQCQNLYQLEGNKRITCRNGQWSEPPKCLHPCVISREIMENYN
IALRWTAKQKLYSRTGESVEFVCKRGYRLSSRSHTLRTTCWDGKLEYPTCAKR
;
B
#
# COMPACT_ATOMS: atom_id res chain seq x y z
N LEU A 28 13.44 35.68 2.74
CA LEU A 28 14.38 34.73 2.14
C LEU A 28 15.34 34.12 3.16
N LYS A 29 15.61 34.85 4.28
CA LYS A 29 16.51 34.45 5.37
C LYS A 29 16.21 33.08 5.98
N THR A 30 14.93 32.79 6.30
CA THR A 30 14.50 31.52 6.90
C THR A 30 14.67 30.33 5.93
N LEU A 31 14.48 30.59 4.60
CA LEU A 31 14.65 29.60 3.53
C LEU A 31 16.12 29.19 3.41
N ASP A 32 17.04 30.16 3.54
CA ASP A 32 18.49 29.95 3.49
C ASP A 32 18.94 29.25 4.78
N ASN A 33 18.25 29.56 5.90
CA ASN A 33 18.50 28.93 7.21
C ASN A 33 18.13 27.45 7.22
N LEU A 34 17.23 27.02 6.30
CA LEU A 34 16.82 25.62 6.12
C LEU A 34 17.80 24.92 5.17
N LEU A 35 18.11 25.56 4.02
CA LEU A 35 19.03 25.03 2.99
C LEU A 35 20.45 24.78 3.50
N LYS A 36 20.89 25.57 4.51
CA LYS A 36 22.19 25.45 5.18
C LYS A 36 22.25 24.16 6.02
N THR A 37 21.08 23.63 6.45
CA THR A 37 20.97 22.40 7.25
C THR A 37 20.77 21.11 6.41
N LEU A 38 20.49 21.25 5.09
CA LEU A 38 20.22 20.11 4.19
C LEU A 38 21.44 19.55 3.47
N ASP A 39 21.54 18.19 3.44
CA ASP A 39 22.59 17.46 2.71
C ASP A 39 22.15 17.32 1.23
N ASN A 40 23.03 16.77 0.37
CA ASN A 40 22.74 16.56 -1.05
C ASN A 40 21.48 15.70 -1.27
N ASN A 41 21.25 14.68 -0.43
CA ASN A 41 20.10 13.77 -0.53
C ASN A 41 18.80 14.52 -0.29
N GLN A 42 18.78 15.41 0.71
CA GLN A 42 17.63 16.23 1.07
C GLN A 42 17.38 17.33 0.02
N LYS A 43 18.46 17.99 -0.46
CA LYS A 43 18.39 19.02 -1.51
C LYS A 43 17.81 18.47 -2.85
N GLN A 44 18.16 17.21 -3.20
CA GLN A 44 17.68 16.54 -4.41
C GLN A 44 16.22 16.13 -4.27
N ALA A 45 15.80 15.77 -3.05
CA ALA A 45 14.39 15.43 -2.76
C ALA A 45 13.54 16.70 -2.88
N LEU A 46 14.10 17.86 -2.49
CA LEU A 46 13.45 19.17 -2.59
C LEU A 46 13.22 19.52 -4.09
N ILE A 47 14.27 19.38 -4.94
CA ILE A 47 14.20 19.60 -6.39
C ILE A 47 13.12 18.68 -7.01
N TYR A 48 13.10 17.40 -6.59
CA TYR A 48 12.17 16.36 -7.03
C TYR A 48 10.71 16.72 -6.71
N PHE A 49 10.44 17.07 -5.45
CA PHE A 49 9.10 17.46 -5.00
C PHE A 49 8.59 18.69 -5.78
N LYS A 50 9.38 19.76 -5.83
CA LYS A 50 9.06 20.99 -6.54
C LYS A 50 8.72 20.72 -8.03
N ASP A 51 9.50 19.81 -8.68
CA ASP A 51 9.36 19.39 -10.07
C ASP A 51 7.98 18.73 -10.29
N LYS A 52 7.54 17.86 -9.36
CA LYS A 52 6.24 17.19 -9.47
C LYS A 52 5.07 18.19 -9.33
N LEU A 53 5.26 19.24 -8.48
CA LEU A 53 4.25 20.30 -8.24
C LEU A 53 4.00 21.15 -9.48
N GLN A 54 4.97 21.17 -10.41
CA GLN A 54 4.91 21.92 -11.66
C GLN A 54 4.41 21.07 -12.84
N ASP A 55 4.00 19.84 -12.57
CA ASP A 55 3.55 18.88 -13.57
C ASP A 55 2.04 18.71 -13.58
N LYS A 56 1.38 19.23 -14.62
CA LYS A 56 -0.09 19.21 -14.77
C LYS A 56 -0.69 17.83 -15.00
N LYS A 57 0.13 16.83 -15.35
CA LYS A 57 -0.35 15.47 -15.54
C LYS A 57 -0.99 14.87 -14.25
N TYR A 58 -0.68 15.46 -13.06
CA TYR A 58 -1.22 15.03 -11.77
C TYR A 58 -2.53 15.74 -11.38
N LEU A 59 -3.02 16.60 -12.24
CA LEU A 59 -4.26 17.32 -12.01
C LEU A 59 -5.46 16.38 -11.86
N ASN A 60 -5.48 15.28 -12.65
CA ASN A 60 -6.52 14.25 -12.61
C ASN A 60 -6.58 13.62 -11.22
N ASP A 61 -5.41 13.35 -10.60
CA ASP A 61 -5.29 12.80 -9.25
C ASP A 61 -5.98 13.71 -8.21
N LEU A 62 -5.77 15.05 -8.32
CA LEU A 62 -6.35 16.07 -7.43
C LEU A 62 -7.87 16.17 -7.61
N MET A 63 -8.37 16.06 -8.85
CA MET A 63 -9.81 16.10 -9.14
C MET A 63 -10.55 14.90 -8.60
N GLU A 64 -9.94 13.71 -8.73
CA GLU A 64 -10.43 12.45 -8.19
C GLU A 64 -10.45 12.48 -6.68
N GLN A 65 -9.36 12.98 -6.05
CA GLN A 65 -9.26 13.16 -4.60
C GLN A 65 -10.27 14.16 -4.10
N GLN A 66 -10.49 15.24 -4.87
CA GLN A 66 -11.45 16.27 -4.53
C GLN A 66 -12.87 15.69 -4.53
N LYS A 67 -13.22 14.94 -5.59
CA LYS A 67 -14.55 14.34 -5.79
C LYS A 67 -14.84 13.30 -4.71
N SER A 68 -13.87 12.39 -4.50
CA SER A 68 -13.93 11.33 -3.49
C SER A 68 -14.13 11.89 -2.06
N PHE A 69 -13.44 13.00 -1.71
CA PHE A 69 -13.55 13.67 -0.41
C PHE A 69 -14.90 14.39 -0.25
N LEU A 70 -15.38 15.09 -1.32
CA LEU A 70 -16.67 15.78 -1.29
C LEU A 70 -17.83 14.79 -1.17
N ASP A 71 -17.76 13.68 -1.94
CA ASP A 71 -18.77 12.60 -1.93
C ASP A 71 -18.93 11.97 -0.53
N ASN A 72 -17.82 11.81 0.24
CA ASN A 72 -17.85 11.24 1.59
C ASN A 72 -18.61 12.17 2.54
N LEU A 73 -18.31 13.50 2.48
CA LEU A 73 -18.94 14.54 3.30
C LEU A 73 -20.41 14.68 2.98
N GLN A 74 -20.78 14.60 1.67
CA GLN A 74 -22.16 14.70 1.23
C GLN A 74 -22.96 13.51 1.74
N LYS A 75 -22.43 12.28 1.56
CA LYS A 75 -23.06 11.03 1.97
C LYS A 75 -23.33 11.03 3.48
N LYS A 76 -22.33 11.41 4.28
CA LYS A 76 -22.41 11.47 5.75
C LYS A 76 -23.00 12.77 6.29
N LYS A 77 -23.50 13.66 5.40
CA LYS A 77 -24.11 14.96 5.73
C LYS A 77 -23.23 15.79 6.72
N GLU A 78 -21.91 15.85 6.45
CA GLU A 78 -20.93 16.53 7.29
C GLU A 78 -20.34 17.79 6.70
N ASP A 79 -20.02 18.75 7.60
CA ASP A 79 -19.34 20.01 7.34
C ASP A 79 -19.83 20.72 6.07
N PRO A 80 -21.02 21.36 6.11
CA PRO A 80 -21.53 22.08 4.91
C PRO A 80 -20.60 23.19 4.40
N ASP A 81 -19.89 23.89 5.30
CA ASP A 81 -18.96 24.95 4.94
C ASP A 81 -17.84 24.40 4.04
N LEU A 82 -17.28 23.24 4.38
CA LEU A 82 -16.20 22.60 3.63
C LEU A 82 -16.68 22.03 2.28
N GLN A 83 -17.91 21.46 2.25
CA GLN A 83 -18.56 20.92 1.05
C GLN A 83 -18.69 22.04 0.01
N ASP A 84 -19.17 23.22 0.45
CA ASP A 84 -19.40 24.35 -0.42
C ASP A 84 -18.07 24.93 -0.99
N ARG A 85 -16.97 24.86 -0.22
CA ARG A 85 -15.62 25.22 -0.68
C ARG A 85 -15.09 24.17 -1.68
N LEU A 86 -15.50 22.89 -1.51
CA LEU A 86 -15.09 21.77 -2.35
C LEU A 86 -15.87 21.69 -3.66
N LYS A 87 -16.99 22.44 -3.78
CA LYS A 87 -17.82 22.50 -5.00
C LYS A 87 -17.18 23.49 -5.98
N LYS A 88 -16.29 24.35 -5.46
CA LYS A 88 -15.53 25.37 -6.20
C LYS A 88 -14.28 24.73 -6.76
N THR A 89 -13.66 25.38 -7.76
CA THR A 89 -12.45 24.89 -8.40
C THR A 89 -11.22 25.12 -7.54
N LEU A 90 -10.42 24.05 -7.35
CA LEU A 90 -9.18 24.16 -6.62
C LEU A 90 -8.09 24.80 -7.48
N ASN A 91 -7.27 25.63 -6.85
CA ASN A 91 -6.11 26.28 -7.46
C ASN A 91 -5.02 25.18 -7.64
N SER A 92 -4.54 24.99 -8.85
CA SER A 92 -3.50 24.00 -9.13
C SER A 92 -2.26 24.69 -9.71
N GLU A 93 -2.10 26.00 -9.44
CA GLU A 93 -1.00 26.83 -9.91
C GLU A 93 0.15 26.81 -8.94
N TYR A 94 1.35 26.62 -9.46
CA TYR A 94 2.56 26.63 -8.63
C TYR A 94 3.02 28.06 -8.43
N ASP A 95 3.44 28.38 -7.22
CA ASP A 95 3.97 29.69 -6.84
C ASP A 95 5.08 29.44 -5.85
N GLU A 96 6.28 29.89 -6.18
CA GLU A 96 7.50 29.76 -5.39
C GLU A 96 7.35 30.28 -3.94
N SER A 97 6.65 31.44 -3.73
CA SER A 97 6.47 32.06 -2.41
C SER A 97 5.58 31.22 -1.51
N GLN A 98 4.55 30.60 -2.10
CA GLN A 98 3.65 29.72 -1.35
C GLN A 98 4.41 28.44 -0.99
N PHE A 99 5.28 27.93 -1.90
CA PHE A 99 6.11 26.75 -1.64
C PHE A 99 7.04 27.00 -0.43
N ASN A 100 7.71 28.17 -0.43
CA ASN A 100 8.63 28.59 0.63
C ASN A 100 7.91 28.82 1.96
N LYS A 101 6.64 29.27 1.90
CA LYS A 101 5.80 29.47 3.09
C LYS A 101 5.50 28.11 3.77
N LEU A 102 5.20 27.06 2.96
CA LEU A 102 4.95 25.72 3.49
C LEU A 102 6.18 25.22 4.27
N LEU A 103 7.39 25.37 3.69
CA LEU A 103 8.65 24.97 4.35
C LEU A 103 8.90 25.80 5.61
N ASN A 104 8.50 27.09 5.61
CA ASN A 104 8.66 27.97 6.76
C ASN A 104 7.68 27.59 7.88
N GLU A 105 6.43 27.24 7.53
CA GLU A 105 5.41 26.87 8.49
C GLU A 105 5.68 25.52 9.12
N LEU A 106 6.42 24.63 8.41
CA LEU A 106 6.78 23.33 8.94
C LEU A 106 7.91 23.50 9.97
N GLY A 107 8.77 24.47 9.73
CA GLY A 107 9.94 24.70 10.56
C GLY A 107 11.06 23.82 10.04
N ASN A 108 12.32 24.20 10.31
CA ASN A 108 13.53 23.52 9.87
C ASN A 108 13.54 22.01 10.13
N ALA A 109 13.10 21.59 11.34
CA ALA A 109 13.06 20.20 11.76
C ALA A 109 12.16 19.30 10.90
N LYS A 110 10.83 19.62 10.83
CA LYS A 110 9.85 18.86 10.06
C LYS A 110 10.17 18.87 8.56
N ALA A 111 10.60 20.04 8.03
CA ALA A 111 11.00 20.18 6.63
C ALA A 111 12.17 19.21 6.29
N LYS A 112 13.19 19.10 7.17
CA LYS A 112 14.32 18.17 6.96
C LYS A 112 13.88 16.71 7.13
N GLN A 113 13.02 16.40 8.14
CA GLN A 113 12.48 15.05 8.33
C GLN A 113 11.68 14.61 7.09
N PHE A 114 10.89 15.55 6.51
CA PHE A 114 10.07 15.28 5.34
C PHE A 114 10.93 14.99 4.11
N LEU A 115 11.93 15.86 3.83
CA LEU A 115 12.81 15.70 2.68
C LEU A 115 13.68 14.46 2.79
N GLN A 116 14.11 14.11 4.01
CA GLN A 116 14.90 12.90 4.29
C GLN A 116 14.06 11.64 4.03
N GLN A 117 12.80 11.61 4.51
CA GLN A 117 11.93 10.46 4.31
C GLN A 117 11.58 10.32 2.82
N LEU A 118 11.43 11.46 2.09
CA LEU A 118 11.18 11.46 0.64
C LEU A 118 12.37 10.80 -0.08
N HIS A 119 13.61 11.11 0.38
CA HIS A 119 14.83 10.50 -0.13
C HIS A 119 14.78 8.97 0.04
N ILE A 120 14.52 8.47 1.28
CA ILE A 120 14.44 7.03 1.56
C ILE A 120 13.40 6.34 0.65
N MET A 121 12.19 6.92 0.51
CA MET A 121 11.13 6.36 -0.34
C MET A 121 11.61 6.21 -1.78
N LEU A 122 12.16 7.29 -2.35
CA LEU A 122 12.66 7.30 -3.73
C LEU A 122 13.85 6.35 -3.94
N GLN A 123 14.79 6.29 -2.98
CA GLN A 123 15.93 5.36 -3.02
C GLN A 123 15.47 3.91 -2.92
N SER A 124 14.45 3.63 -2.09
CA SER A 124 13.89 2.28 -1.91
C SER A 124 13.20 1.81 -3.17
N ILE A 125 12.60 2.73 -3.93
CA ILE A 125 11.97 2.40 -5.22
C ILE A 125 13.07 2.08 -6.24
N LYS A 126 14.08 2.98 -6.35
CA LYS A 126 15.24 2.90 -7.27
C LYS A 126 16.01 1.57 -7.10
N ASP A 127 16.34 1.20 -5.84
CA ASP A 127 17.08 0.00 -5.42
C ASP A 127 16.27 -1.30 -5.55
N GLY A 128 14.95 -1.21 -5.64
CA GLY A 128 14.05 -2.37 -5.67
C GLY A 128 13.89 -3.00 -4.29
N THR A 129 14.33 -2.31 -3.22
CA THR A 129 14.32 -2.78 -1.82
C THR A 129 13.06 -2.38 -1.00
N LEU A 130 12.18 -1.51 -1.54
CA LEU A 130 10.95 -1.11 -0.87
C LEU A 130 10.16 -2.37 -0.46
N THR A 131 9.97 -2.61 0.84
CA THR A 131 9.25 -3.76 1.41
C THR A 131 7.87 -3.93 0.76
N SER A 132 7.17 -2.81 0.52
CA SER A 132 5.84 -2.73 -0.09
C SER A 132 5.73 -3.56 -1.38
N PHE A 133 6.87 -3.70 -2.12
CA PHE A 133 6.95 -4.46 -3.39
C PHE A 133 6.51 -5.92 -3.28
N SER A 134 6.67 -6.56 -2.08
CA SER A 134 6.30 -7.95 -1.78
C SER A 134 4.83 -8.10 -1.37
N SER A 135 4.15 -6.98 -1.14
CA SER A 135 2.76 -6.99 -0.73
C SER A 135 1.80 -7.37 -1.87
N SER A 136 0.60 -7.87 -1.49
CA SER A 136 -0.51 -8.24 -2.39
C SER A 136 -0.85 -7.09 -3.33
N ASN A 137 -0.65 -5.83 -2.84
CA ASN A 137 -0.87 -4.57 -3.54
C ASN A 137 -0.12 -4.48 -4.89
N PHE A 138 0.94 -5.30 -5.09
CA PHE A 138 1.72 -5.29 -6.35
C PHE A 138 1.68 -6.62 -7.08
N ASN A 139 0.96 -7.61 -6.55
CA ASN A 139 1.00 -8.98 -7.05
C ASN A 139 0.24 -9.21 -8.39
N ASP A 140 -0.28 -8.14 -9.04
CA ASP A 140 -0.90 -8.22 -10.36
C ASP A 140 0.15 -7.87 -11.44
N LEU A 141 1.35 -7.46 -10.98
CA LEU A 141 2.49 -7.02 -11.82
C LEU A 141 3.53 -8.14 -11.99
N GLN A 142 4.03 -8.30 -13.23
CA GLN A 142 4.98 -9.38 -13.59
C GLN A 142 6.44 -9.11 -13.26
N ASN A 143 6.88 -7.86 -13.27
CA ASN A 143 8.28 -7.54 -13.00
C ASN A 143 8.46 -6.30 -12.13
N LEU A 144 9.68 -6.13 -11.60
CA LEU A 144 10.08 -5.07 -10.70
C LEU A 144 9.96 -3.67 -11.29
N GLU A 145 10.27 -3.53 -12.59
CA GLU A 145 10.16 -2.26 -13.28
C GLU A 145 8.72 -1.75 -13.25
N GLN A 146 7.72 -2.63 -13.47
CA GLN A 146 6.30 -2.27 -13.41
C GLN A 146 5.95 -1.79 -11.97
N LYS A 147 6.47 -2.49 -10.95
CA LYS A 147 6.28 -2.23 -9.52
C LYS A 147 6.84 -0.85 -9.17
N LYS A 148 8.06 -0.57 -9.66
CA LYS A 148 8.76 0.71 -9.49
C LYS A 148 7.93 1.83 -10.09
N GLU A 149 7.34 1.60 -11.29
CA GLU A 149 6.50 2.59 -11.95
C GLU A 149 5.23 2.90 -11.17
N ARG A 150 4.53 1.85 -10.65
CA ARG A 150 3.32 2.06 -9.84
C ARG A 150 3.63 2.89 -8.59
N ALA A 151 4.69 2.51 -7.85
CA ALA A 151 5.15 3.16 -6.63
C ALA A 151 5.49 4.63 -6.88
N LEU A 152 6.31 4.91 -7.91
CA LEU A 152 6.69 6.28 -8.27
C LEU A 152 5.48 7.13 -8.69
N GLN A 153 4.59 6.60 -9.56
CA GLN A 153 3.43 7.38 -9.99
C GLN A 153 2.45 7.66 -8.81
N TYR A 154 2.34 6.73 -7.85
CA TYR A 154 1.48 6.93 -6.68
C TYR A 154 2.07 7.99 -5.70
N ILE A 155 3.40 7.94 -5.40
CA ILE A 155 4.08 8.90 -4.52
C ILE A 155 3.97 10.31 -5.07
N ASN A 156 4.24 10.48 -6.39
CA ASN A 156 4.18 11.74 -7.14
C ASN A 156 2.77 12.35 -7.05
N GLY A 157 1.75 11.51 -7.22
CA GLY A 157 0.36 11.94 -7.12
C GLY A 157 0.03 12.40 -5.72
N LYS A 158 0.54 11.70 -4.70
CA LYS A 158 0.31 12.06 -3.31
C LYS A 158 1.03 13.35 -2.91
N LEU A 159 2.29 13.57 -3.36
CA LEU A 159 3.03 14.80 -3.09
C LEU A 159 2.25 16.01 -3.63
N TYR A 160 1.68 15.86 -4.84
CA TYR A 160 0.96 16.86 -5.59
C TYR A 160 -0.38 17.14 -4.93
N VAL A 161 -1.16 16.08 -4.67
CA VAL A 161 -2.49 16.19 -4.05
C VAL A 161 -2.37 16.86 -2.67
N GLU A 162 -1.43 16.39 -1.83
CA GLU A 162 -1.26 16.95 -0.48
C GLU A 162 -0.86 18.42 -0.48
N TYR A 163 0.03 18.80 -1.39
CA TYR A 163 0.45 20.20 -1.51
C TYR A 163 -0.71 21.10 -1.95
N TYR A 164 -1.50 20.68 -2.97
CA TYR A 164 -2.58 21.55 -3.44
C TYR A 164 -3.81 21.55 -2.51
N PHE A 165 -3.95 20.56 -1.62
CA PHE A 165 -5.03 20.59 -0.61
C PHE A 165 -4.64 21.63 0.46
N TYR A 166 -3.33 21.75 0.71
CA TYR A 166 -2.77 22.74 1.60
C TYR A 166 -2.93 24.13 0.99
N ILE A 167 -2.43 24.33 -0.26
CA ILE A 167 -2.50 25.61 -0.98
C ILE A 167 -3.93 26.18 -0.97
N ASN A 168 -4.93 25.29 -1.03
CA ASN A 168 -6.34 25.63 -1.08
C ASN A 168 -7.02 25.81 0.29
N GLY A 169 -6.26 25.64 1.37
CA GLY A 169 -6.79 25.80 2.73
C GLY A 169 -7.65 24.67 3.27
N ILE A 170 -7.63 23.47 2.64
CA ILE A 170 -8.41 22.31 3.12
C ILE A 170 -7.61 21.62 4.22
N SER A 171 -6.30 21.87 4.22
CA SER A 171 -5.41 21.35 5.25
C SER A 171 -4.31 22.37 5.57
N ASN A 172 -3.81 22.35 6.83
CA ASN A 172 -2.74 23.23 7.27
C ASN A 172 -1.37 22.51 7.14
N ALA A 173 -0.27 23.22 7.39
CA ALA A 173 1.09 22.66 7.25
C ALA A 173 1.34 21.39 8.06
N ASP A 174 0.82 21.32 9.30
CA ASP A 174 0.93 20.17 10.19
C ASP A 174 0.17 18.94 9.61
N ASN A 175 -0.99 19.20 8.97
CA ASN A 175 -1.78 18.15 8.33
C ASN A 175 -1.05 17.63 7.09
N PHE A 176 -0.48 18.55 6.30
CA PHE A 176 0.31 18.18 5.13
C PHE A 176 1.41 17.21 5.59
N PHE A 177 2.18 17.60 6.64
CA PHE A 177 3.29 16.82 7.21
C PHE A 177 2.88 15.41 7.62
N GLU A 178 1.92 15.27 8.54
CA GLU A 178 1.45 13.97 9.03
C GLU A 178 0.86 13.10 7.93
N THR A 179 0.11 13.70 6.99
CA THR A 179 -0.49 12.95 5.88
C THR A 179 0.57 12.45 4.86
N ILE A 180 1.51 13.32 4.44
CA ILE A 180 2.50 12.90 3.45
C ILE A 180 3.52 11.89 4.07
N MET A 181 3.78 11.98 5.38
CA MET A 181 4.71 11.06 6.07
C MET A 181 4.12 9.63 6.17
N GLU A 182 2.77 9.50 6.20
CA GLU A 182 2.06 8.23 6.19
C GLU A 182 2.38 7.55 4.85
N TYR A 183 2.17 8.28 3.73
CA TYR A 183 2.44 7.79 2.37
C TYR A 183 3.91 7.53 2.06
N LEU A 184 4.83 8.22 2.76
CA LEU A 184 6.28 8.08 2.54
C LEU A 184 6.92 7.02 3.42
N LYS A 185 6.14 6.40 4.33
CA LYS A 185 6.65 5.36 5.23
C LYS A 185 7.20 4.11 4.47
N THR A 186 8.42 3.66 4.85
CA THR A 186 9.14 2.56 4.22
C THR A 186 9.32 1.37 5.17
N THR B 8 4.31 -56.33 3.03
CA THR B 8 5.21 -55.42 2.32
C THR B 8 4.91 -53.94 2.62
N GLY B 9 5.96 -53.12 2.62
CA GLY B 9 5.86 -51.69 2.91
C GLY B 9 5.34 -50.88 1.74
N LYS B 10 4.28 -51.39 1.07
CA LYS B 10 3.65 -50.74 -0.07
C LYS B 10 2.46 -49.88 0.35
N CYS B 11 2.36 -48.67 -0.23
CA CYS B 11 1.24 -47.77 0.03
C CYS B 11 0.22 -47.85 -1.07
N GLY B 12 -0.99 -47.40 -0.74
CA GLY B 12 -2.08 -47.26 -1.69
C GLY B 12 -2.02 -45.85 -2.26
N PRO B 13 -3.11 -45.36 -2.89
CA PRO B 13 -3.08 -43.99 -3.46
C PRO B 13 -2.78 -42.88 -2.44
N PRO B 14 -1.95 -41.87 -2.78
CA PRO B 14 -1.68 -40.79 -1.81
C PRO B 14 -2.96 -40.01 -1.44
N PRO B 15 -3.02 -39.44 -0.22
CA PRO B 15 -4.26 -38.78 0.22
C PRO B 15 -4.71 -37.54 -0.56
N PRO B 16 -6.04 -37.34 -0.71
CA PRO B 16 -6.49 -36.09 -1.36
C PRO B 16 -6.36 -34.90 -0.38
N ILE B 17 -6.13 -33.71 -0.94
CA ILE B 17 -6.03 -32.48 -0.17
C ILE B 17 -6.95 -31.46 -0.84
N ASP B 18 -7.72 -30.72 -0.03
CA ASP B 18 -8.64 -29.70 -0.52
C ASP B 18 -7.88 -28.65 -1.33
N ASN B 19 -8.41 -28.32 -2.53
CA ASN B 19 -7.92 -27.30 -3.46
C ASN B 19 -6.47 -27.50 -3.94
N GLY B 20 -6.05 -28.75 -3.93
CA GLY B 20 -4.74 -29.18 -4.35
C GLY B 20 -4.81 -30.54 -5.01
N ASP B 21 -3.68 -31.01 -5.56
CA ASP B 21 -3.55 -32.30 -6.23
C ASP B 21 -2.09 -32.63 -6.36
N ILE B 22 -1.79 -33.90 -6.64
CA ILE B 22 -0.43 -34.40 -6.84
C ILE B 22 0.06 -34.03 -8.26
N THR B 23 1.38 -33.86 -8.45
CA THR B 23 1.98 -33.45 -9.72
C THR B 23 2.02 -34.56 -10.78
N SER B 24 1.97 -35.81 -10.32
CA SER B 24 2.01 -37.01 -11.16
C SER B 24 0.63 -37.62 -11.34
N PHE B 25 0.52 -38.62 -12.24
CA PHE B 25 -0.73 -39.34 -12.50
C PHE B 25 -0.97 -40.33 -11.35
N PRO B 26 -2.22 -40.50 -10.88
CA PRO B 26 -2.42 -41.34 -9.68
C PRO B 26 -2.34 -42.85 -9.91
N LEU B 27 -1.37 -43.48 -9.22
CA LEU B 27 -1.17 -44.93 -9.26
C LEU B 27 -1.97 -45.57 -8.14
N SER B 28 -2.23 -46.87 -8.23
CA SER B 28 -3.00 -47.57 -7.20
C SER B 28 -2.12 -48.16 -6.09
N VAL B 29 -0.88 -48.54 -6.44
CA VAL B 29 0.09 -49.12 -5.51
C VAL B 29 1.39 -48.33 -5.64
N TYR B 30 2.09 -48.11 -4.51
CA TYR B 30 3.34 -47.37 -4.50
C TYR B 30 4.37 -48.14 -3.72
N ALA B 31 5.58 -48.24 -4.29
CA ALA B 31 6.74 -48.97 -3.74
C ALA B 31 7.25 -48.32 -2.46
N PRO B 32 7.99 -49.04 -1.57
CA PRO B 32 8.54 -48.38 -0.37
C PRO B 32 9.53 -47.28 -0.76
N ALA B 33 9.51 -46.14 -0.04
CA ALA B 33 10.33 -44.93 -0.23
C ALA B 33 10.01 -44.16 -1.54
N SER B 34 8.86 -44.48 -2.17
CA SER B 34 8.45 -43.73 -3.35
C SER B 34 7.82 -42.42 -2.82
N SER B 35 7.90 -41.37 -3.62
CA SER B 35 7.38 -40.08 -3.21
C SER B 35 6.50 -39.43 -4.25
N VAL B 36 5.58 -38.58 -3.78
CA VAL B 36 4.70 -37.74 -4.60
C VAL B 36 4.78 -36.30 -4.08
N GLU B 37 4.63 -35.34 -4.99
CA GLU B 37 4.64 -33.91 -4.72
C GLU B 37 3.26 -33.34 -5.01
N TYR B 38 2.85 -32.33 -4.23
CA TYR B 38 1.57 -31.63 -4.38
C TYR B 38 1.71 -30.21 -4.95
N GLN B 39 0.63 -29.73 -5.59
CA GLN B 39 0.44 -28.39 -6.12
C GLN B 39 -0.94 -27.89 -5.69
N CYS B 40 -1.11 -26.57 -5.58
CA CYS B 40 -2.39 -25.97 -5.19
C CYS B 40 -3.06 -25.33 -6.37
N GLN B 41 -4.36 -25.03 -6.20
CA GLN B 41 -5.18 -24.30 -7.16
C GLN B 41 -4.58 -22.89 -7.24
N ASN B 42 -4.74 -22.25 -8.40
CA ASN B 42 -4.23 -20.92 -8.78
C ASN B 42 -3.91 -19.95 -7.59
N LEU B 43 -4.90 -19.55 -6.83
CA LEU B 43 -4.64 -18.56 -5.77
C LEU B 43 -4.43 -19.15 -4.36
N TYR B 44 -4.38 -20.50 -4.24
CA TYR B 44 -4.17 -21.15 -2.95
C TYR B 44 -2.68 -21.35 -2.66
N GLN B 45 -2.31 -21.31 -1.37
CA GLN B 45 -0.94 -21.39 -0.92
C GLN B 45 -0.65 -22.67 -0.19
N LEU B 46 0.40 -23.39 -0.64
CA LEU B 46 0.84 -24.63 -0.03
C LEU B 46 1.52 -24.35 1.29
N GLU B 47 1.08 -25.06 2.33
CA GLU B 47 1.61 -24.98 3.70
C GLU B 47 1.84 -26.40 4.19
N GLY B 48 3.08 -26.67 4.58
CA GLY B 48 3.59 -27.99 4.99
C GLY B 48 4.61 -28.44 3.97
N ASN B 49 5.10 -29.70 4.05
CA ASN B 49 6.07 -30.15 3.04
C ASN B 49 5.34 -30.50 1.76
N LYS B 50 5.95 -30.06 0.62
CA LYS B 50 5.57 -30.23 -0.77
C LYS B 50 5.52 -31.73 -1.16
N ARG B 51 6.48 -32.50 -0.63
CA ARG B 51 6.65 -33.93 -0.88
C ARG B 51 6.16 -34.80 0.26
N ILE B 52 5.65 -35.99 -0.08
CA ILE B 52 5.25 -37.02 0.90
C ILE B 52 5.92 -38.33 0.49
N THR B 53 6.33 -39.13 1.46
CA THR B 53 7.04 -40.38 1.15
C THR B 53 6.27 -41.57 1.75
N CYS B 54 6.27 -42.70 1.03
CA CYS B 54 5.64 -43.93 1.50
C CYS B 54 6.64 -44.65 2.40
N ARG B 55 6.44 -44.53 3.72
CA ARG B 55 7.28 -45.11 4.75
C ARG B 55 6.56 -46.29 5.38
N ASN B 56 7.02 -47.52 5.02
CA ASN B 56 6.49 -48.82 5.45
C ASN B 56 4.94 -48.86 5.52
N GLY B 57 4.32 -48.81 4.33
CA GLY B 57 2.89 -48.88 4.13
C GLY B 57 2.06 -47.67 4.53
N GLN B 58 2.73 -46.60 4.98
CA GLN B 58 2.04 -45.38 5.39
C GLN B 58 2.65 -44.12 4.78
N TRP B 59 1.81 -43.20 4.29
CA TRP B 59 2.29 -41.93 3.70
C TRP B 59 2.59 -40.91 4.79
N SER B 60 3.64 -40.07 4.58
CA SER B 60 3.93 -38.99 5.53
C SER B 60 2.83 -37.91 5.45
N GLU B 61 2.77 -37.00 6.42
CA GLU B 61 1.71 -35.99 6.48
C GLU B 61 1.62 -35.11 5.20
N PRO B 62 0.43 -35.11 4.52
CA PRO B 62 0.26 -34.25 3.34
C PRO B 62 0.15 -32.78 3.71
N PRO B 63 0.54 -31.84 2.80
CA PRO B 63 0.37 -30.41 3.10
C PRO B 63 -1.11 -29.99 2.98
N LYS B 64 -1.35 -28.69 3.13
CA LYS B 64 -2.66 -28.05 2.95
C LYS B 64 -2.51 -26.97 1.90
N CYS B 65 -3.63 -26.60 1.27
CA CYS B 65 -3.71 -25.52 0.30
C CYS B 65 -4.65 -24.49 0.90
N LEU B 66 -4.08 -23.41 1.43
CA LEU B 66 -4.82 -22.39 2.16
C LEU B 66 -5.43 -21.32 1.28
N HIS B 67 -6.68 -20.95 1.61
CA HIS B 67 -7.51 -19.98 0.88
C HIS B 67 -6.91 -18.59 0.75
N PRO B 68 -7.13 -17.90 -0.39
CA PRO B 68 -6.72 -16.48 -0.45
C PRO B 68 -7.74 -15.58 0.26
N CYS B 69 -7.33 -14.36 0.60
CA CYS B 69 -8.24 -13.38 1.22
C CYS B 69 -8.83 -12.52 0.13
N VAL B 70 -10.14 -12.29 0.22
CA VAL B 70 -10.85 -11.45 -0.76
C VAL B 70 -11.08 -10.10 -0.10
N ILE B 71 -10.38 -9.05 -0.57
CA ILE B 71 -10.51 -7.70 0.03
C ILE B 71 -11.91 -7.13 -0.24
N SER B 72 -12.68 -6.90 0.85
CA SER B 72 -14.05 -6.42 0.82
C SER B 72 -14.14 -4.90 0.70
N ARG B 73 -14.75 -4.39 -0.38
CA ARG B 73 -14.97 -2.94 -0.60
C ARG B 73 -15.81 -2.35 0.53
N GLU B 74 -16.89 -3.05 0.94
CA GLU B 74 -17.82 -2.64 2.00
C GLU B 74 -17.16 -2.57 3.37
N ILE B 75 -16.29 -3.56 3.74
CA ILE B 75 -15.57 -3.50 5.03
C ILE B 75 -14.69 -2.25 5.00
N MET B 76 -13.91 -2.07 3.94
CA MET B 76 -13.05 -0.91 3.77
C MET B 76 -13.79 0.42 3.95
N GLU B 77 -15.02 0.53 3.41
CA GLU B 77 -15.84 1.72 3.53
C GLU B 77 -16.29 1.92 4.96
N ASN B 78 -16.66 0.83 5.65
CA ASN B 78 -17.14 0.91 7.04
C ASN B 78 -16.04 1.25 8.02
N TYR B 79 -14.80 0.85 7.72
CA TYR B 79 -13.65 1.09 8.57
C TYR B 79 -12.87 2.34 8.17
N ASN B 80 -13.36 3.11 7.13
CA ASN B 80 -12.78 4.37 6.59
C ASN B 80 -11.32 4.22 6.12
N ILE B 81 -11.04 3.08 5.50
CA ILE B 81 -9.73 2.67 4.96
C ILE B 81 -9.83 2.48 3.42
N ALA B 82 -8.66 2.37 2.78
CA ALA B 82 -8.49 2.16 1.35
C ALA B 82 -7.19 1.38 1.16
N LEU B 83 -7.03 0.71 0.03
CA LEU B 83 -5.78 0.02 -0.28
C LEU B 83 -4.73 1.04 -0.69
N ARG B 84 -3.54 0.92 -0.14
CA ARG B 84 -2.37 1.75 -0.47
C ARG B 84 -1.90 1.32 -1.87
N TRP B 85 -1.21 2.22 -2.59
CA TRP B 85 -0.58 1.98 -3.91
C TRP B 85 -1.54 1.85 -5.09
N THR B 86 -2.83 1.65 -4.85
CA THR B 86 -3.81 1.45 -5.91
C THR B 86 -5.16 2.14 -5.61
N ALA B 87 -5.91 2.42 -6.70
CA ALA B 87 -7.26 3.02 -6.71
C ALA B 87 -8.33 1.94 -6.54
N LYS B 88 -7.95 0.68 -6.88
CA LYS B 88 -8.76 -0.53 -6.76
C LYS B 88 -9.22 -0.77 -5.32
N GLN B 89 -10.45 -1.26 -5.19
CA GLN B 89 -11.08 -1.60 -3.93
C GLN B 89 -11.30 -3.13 -3.89
N LYS B 90 -10.79 -3.82 -4.92
CA LYS B 90 -10.87 -5.28 -5.10
C LYS B 90 -9.43 -5.79 -5.14
N LEU B 91 -9.16 -6.89 -4.45
CA LEU B 91 -7.82 -7.47 -4.39
C LEU B 91 -7.92 -8.88 -3.86
N TYR B 92 -7.14 -9.79 -4.46
CA TYR B 92 -6.96 -11.17 -4.02
C TYR B 92 -5.59 -11.20 -3.39
N SER B 93 -5.57 -11.59 -2.13
CA SER B 93 -4.34 -11.69 -1.38
C SER B 93 -4.08 -13.15 -1.12
N ARG B 94 -2.86 -13.61 -1.32
CA ARG B 94 -2.52 -15.00 -1.00
C ARG B 94 -2.16 -15.13 0.49
N THR B 95 -2.35 -16.35 1.05
CA THR B 95 -1.97 -16.73 2.41
C THR B 95 -0.46 -16.49 2.54
N GLY B 96 -0.04 -15.80 3.59
CA GLY B 96 1.37 -15.46 3.79
C GLY B 96 1.76 -14.08 3.24
N GLU B 97 0.95 -13.50 2.34
CA GLU B 97 1.26 -12.17 1.81
C GLU B 97 0.69 -11.07 2.71
N SER B 98 1.35 -9.90 2.72
CA SER B 98 0.91 -8.72 3.44
C SER B 98 0.02 -7.84 2.55
N VAL B 99 -0.97 -7.19 3.15
CA VAL B 99 -1.84 -6.25 2.50
C VAL B 99 -1.56 -4.90 3.16
N GLU B 100 -1.41 -3.84 2.35
CA GLU B 100 -1.17 -2.49 2.85
C GLU B 100 -2.35 -1.58 2.62
N PHE B 101 -2.78 -0.92 3.69
CA PHE B 101 -3.91 0.00 3.69
C PHE B 101 -3.43 1.38 4.09
N VAL B 102 -4.29 2.37 3.87
CA VAL B 102 -4.14 3.76 4.26
C VAL B 102 -5.49 4.15 4.83
N CYS B 103 -5.51 5.17 5.69
CA CYS B 103 -6.74 5.78 6.19
C CYS B 103 -7.32 6.57 5.00
N LYS B 104 -8.64 6.71 4.91
CA LYS B 104 -9.24 7.57 3.88
C LYS B 104 -8.98 9.01 4.30
N ARG B 105 -8.99 9.99 3.35
N ARG B 105 -9.04 9.99 3.36
CA ARG B 105 -8.74 11.42 3.66
CA ARG B 105 -8.83 11.42 3.67
C ARG B 105 -9.75 11.95 4.70
C ARG B 105 -9.78 11.91 4.74
N GLY B 106 -9.22 12.59 5.74
CA GLY B 106 -9.98 13.14 6.86
C GLY B 106 -10.05 12.21 8.06
N TYR B 107 -9.39 11.03 7.99
CA TYR B 107 -9.40 10.01 9.06
C TYR B 107 -8.00 9.66 9.52
N ARG B 108 -7.86 9.28 10.80
CA ARG B 108 -6.58 8.83 11.36
C ARG B 108 -6.74 7.45 11.93
N LEU B 109 -5.63 6.71 12.08
CA LEU B 109 -5.65 5.35 12.63
C LEU B 109 -6.20 5.27 14.06
N SER B 110 -7.21 4.39 14.28
CA SER B 110 -7.86 4.18 15.57
C SER B 110 -7.56 2.77 16.14
N SER B 111 -7.03 1.87 15.29
CA SER B 111 -6.53 0.54 15.64
C SER B 111 -5.04 0.69 16.05
N ARG B 112 -4.41 -0.36 16.61
CA ARG B 112 -3.02 -0.30 17.10
C ARG B 112 -2.02 0.04 15.97
N SER B 113 -0.88 0.67 16.28
CA SER B 113 0.09 1.00 15.22
C SER B 113 0.56 -0.29 14.55
N HIS B 114 0.96 -0.19 13.28
CA HIS B 114 1.42 -1.29 12.42
C HIS B 114 0.24 -2.13 11.84
N THR B 115 -1.05 -1.83 12.19
CA THR B 115 -2.24 -2.51 11.64
C THR B 115 -2.50 -2.12 10.15
N LEU B 116 -1.85 -1.06 9.64
CA LEU B 116 -2.00 -0.67 8.23
C LEU B 116 -1.30 -1.66 7.26
N ARG B 117 -0.40 -2.52 7.77
CA ARG B 117 0.29 -3.58 7.02
C ARG B 117 -0.05 -4.88 7.73
N THR B 118 -0.78 -5.79 7.07
CA THR B 118 -1.20 -7.00 7.75
C THR B 118 -1.19 -8.26 6.84
N THR B 119 -0.99 -9.43 7.44
CA THR B 119 -0.87 -10.70 6.72
C THR B 119 -2.21 -11.42 6.52
N CYS B 120 -2.40 -11.91 5.30
CA CYS B 120 -3.52 -12.78 4.92
C CYS B 120 -3.19 -14.22 5.40
N TRP B 121 -4.19 -14.90 5.94
CA TRP B 121 -4.03 -16.28 6.39
C TRP B 121 -5.33 -17.04 6.27
N ASP B 122 -5.37 -17.97 5.30
CA ASP B 122 -6.46 -18.90 4.96
C ASP B 122 -7.83 -18.19 4.92
N GLY B 123 -7.90 -17.18 4.06
CA GLY B 123 -9.11 -16.36 3.88
C GLY B 123 -9.36 -15.32 4.95
N LYS B 124 -8.59 -15.32 6.06
CA LYS B 124 -8.75 -14.41 7.17
C LYS B 124 -7.73 -13.28 7.15
N LEU B 125 -8.24 -12.06 7.27
CA LEU B 125 -7.47 -10.81 7.30
C LEU B 125 -8.01 -9.87 8.41
N GLU B 126 -7.11 -9.25 9.17
CA GLU B 126 -7.56 -8.27 10.15
C GLU B 126 -7.44 -6.88 9.47
N TYR B 127 -8.60 -6.21 9.28
CA TYR B 127 -8.65 -4.88 8.65
C TYR B 127 -8.35 -3.79 9.70
N PRO B 128 -7.53 -2.76 9.38
CA PRO B 128 -7.37 -1.65 10.33
C PRO B 128 -8.63 -0.78 10.36
N THR B 129 -8.72 0.11 11.36
CA THR B 129 -9.84 1.02 11.49
C THR B 129 -9.30 2.44 11.57
N CYS B 130 -9.99 3.37 10.91
CA CYS B 130 -9.66 4.78 10.95
C CYS B 130 -10.88 5.54 11.41
N ALA B 131 -10.68 6.65 12.09
CA ALA B 131 -11.78 7.45 12.67
C ALA B 131 -11.60 8.89 12.32
N LYS B 132 -12.72 9.64 12.24
CA LYS B 132 -12.77 11.05 11.85
C LYS B 132 -11.80 11.88 12.68
N ARG B 133 -10.79 12.47 12.00
CA ARG B 133 -9.69 13.27 12.56
C ARG B 133 -10.14 14.35 13.55
#